data_4K3G
#
_entry.id   4K3G
#
_cell.length_a   54.86
_cell.length_b   54.86
_cell.length_c   95.32
_cell.angle_alpha   90.00
_cell.angle_beta   90.00
_cell.angle_gamma   90.00
#
_symmetry.space_group_name_H-M   'P 41'
#
loop_
_entity.id
_entity.type
_entity.pdbx_description
1 polymer 'immunoglobulin lambda variable domain L5(L89S)'
2 non-polymer alpha-D-mannopyranose
3 water water
#
_entity_poly.entity_id   1
_entity_poly.type   'polypeptide(L)'
_entity_poly.pdbx_seq_one_letter_code
;QAVVTQEPSVTVSPGGTVILTCGSSTGAVTSGHYANWFQQKPGQAPRALIFETDKKYSWTPGRFSGSLLGAKAALTISDA
QPEDEAEYYCSLSDVDGYLFGGGTQLTVLSTGHHHHHH
;
_entity_poly.pdbx_strand_id   A,B
#
loop_
_chem_comp.id
_chem_comp.type
_chem_comp.name
_chem_comp.formula
MAN D-saccharide, alpha linking alpha-D-mannopyranose 'C6 H12 O6'
#
# COMPACT_ATOMS: atom_id res chain seq x y z
N ALA A 2 -14.08 2.34 -11.37
CA ALA A 2 -13.06 1.56 -12.07
C ALA A 2 -12.63 0.35 -11.25
N VAL A 3 -12.16 -0.69 -11.92
CA VAL A 3 -11.81 -1.92 -11.22
C VAL A 3 -10.44 -2.41 -11.65
N VAL A 4 -9.70 -2.95 -10.69
CA VAL A 4 -8.39 -3.49 -10.93
C VAL A 4 -8.51 -5.00 -11.10
N THR A 5 -7.96 -5.51 -12.20
CA THR A 5 -8.12 -6.92 -12.53
C THR A 5 -6.79 -7.66 -12.55
N GLN A 6 -6.78 -8.82 -11.90
CA GLN A 6 -5.62 -9.71 -11.89
C GLN A 6 -6.08 -11.11 -12.27
N GLU A 7 -5.19 -11.91 -12.86
CA GLU A 7 -5.49 -13.32 -13.14
C GLU A 7 -5.89 -14.00 -11.85
N PRO A 8 -6.96 -14.81 -11.88
CA PRO A 8 -7.28 -15.49 -10.62
C PRO A 8 -6.17 -16.40 -10.15
N SER A 9 -5.50 -17.10 -11.06
CA SER A 9 -4.46 -18.02 -10.63
C SER A 9 -3.52 -18.38 -11.76
N VAL A 10 -2.26 -18.58 -11.41
CA VAL A 10 -1.24 -18.96 -12.37
C VAL A 10 -0.31 -19.97 -11.72
N THR A 11 0.46 -20.68 -12.53
CA THR A 11 1.32 -21.73 -12.03
C THR A 11 2.69 -21.55 -12.62
N VAL A 12 3.70 -21.88 -11.85
CA VAL A 12 5.07 -21.84 -12.35
C VAL A 12 5.80 -23.06 -11.81
N SER A 13 6.78 -23.54 -12.56
CA SER A 13 7.61 -24.64 -12.08
CA SER A 13 7.63 -24.64 -12.11
C SER A 13 8.81 -24.07 -11.35
N PRO A 14 9.44 -24.89 -10.50
CA PRO A 14 10.62 -24.40 -9.77
C PRO A 14 11.70 -23.97 -10.75
N GLY A 15 12.27 -22.80 -10.54
CA GLY A 15 13.27 -22.26 -11.44
C GLY A 15 12.65 -21.63 -12.69
N GLY A 16 11.33 -21.74 -12.82
CA GLY A 16 10.61 -21.19 -13.98
C GLY A 16 10.38 -19.68 -13.89
N THR A 17 9.86 -19.11 -14.98
CA THR A 17 9.52 -17.69 -15.01
C THR A 17 8.02 -17.52 -15.25
N VAL A 18 7.39 -16.65 -14.48
CA VAL A 18 5.96 -16.43 -14.62
C VAL A 18 5.71 -14.93 -14.59
N ILE A 19 4.64 -14.49 -15.26
CA ILE A 19 4.27 -13.09 -15.28
C ILE A 19 2.86 -12.91 -14.77
N LEU A 20 2.69 -12.00 -13.82
CA LEU A 20 1.37 -11.67 -13.31
C LEU A 20 1.07 -10.25 -13.76
N THR A 21 -0.20 -9.98 -14.04
CA THR A 21 -0.55 -8.65 -14.54
C THR A 21 -1.66 -8.01 -13.74
N CYS A 22 -1.81 -6.71 -13.94
CA CYS A 22 -2.70 -5.90 -13.15
CA CYS A 22 -2.66 -5.87 -13.12
C CYS A 22 -3.17 -4.78 -14.07
N GLY A 23 -4.45 -4.84 -14.43
CA GLY A 23 -5.02 -3.91 -15.38
C GLY A 23 -6.12 -3.07 -14.79
N SER A 24 -6.38 -1.93 -15.44
CA SER A 24 -7.44 -1.01 -15.03
C SER A 24 -8.62 -1.18 -15.99
N SER A 25 -9.84 -1.20 -15.45
CA SER A 25 -11.01 -1.40 -16.30
C SER A 25 -11.37 -0.19 -17.15
N THR A 26 -10.63 0.91 -17.00
CA THR A 26 -10.99 2.16 -17.67
C THR A 26 -9.94 2.72 -18.63
N GLY A 27 -8.77 2.10 -18.70
CA GLY A 27 -7.72 2.57 -19.58
C GLY A 27 -6.40 1.86 -19.38
N ALA A 28 -5.37 2.27 -20.11
CA ALA A 28 -4.05 1.68 -19.98
C ALA A 28 -3.43 2.14 -18.67
N VAL A 29 -2.72 1.25 -17.99
CA VAL A 29 -1.93 1.64 -16.84
C VAL A 29 -0.66 2.33 -17.30
N THR A 30 -0.33 3.44 -16.67
CA THR A 30 0.90 4.17 -16.94
C THR A 30 1.65 4.38 -15.63
N SER A 31 2.84 4.96 -15.71
CA SER A 31 3.66 5.22 -14.53
C SER A 31 2.91 6.09 -13.52
N GLY A 32 2.00 6.93 -14.03
CA GLY A 32 1.20 7.79 -13.17
C GLY A 32 0.18 7.05 -12.31
N HIS A 33 0.11 5.73 -12.46
CA HIS A 33 -0.77 4.88 -11.64
C HIS A 33 -0.09 4.21 -10.42
N TYR A 34 1.22 4.39 -10.33
CA TYR A 34 1.99 3.94 -9.16
C TYR A 34 1.73 2.50 -8.72
N ALA A 35 1.67 1.56 -9.68
CA ALA A 35 1.40 0.16 -9.34
C ALA A 35 2.24 -0.36 -8.14
N ASN A 36 1.57 -0.98 -7.16
CA ASN A 36 2.25 -1.66 -6.04
C ASN A 36 1.96 -3.14 -6.08
N TRP A 37 2.89 -3.98 -5.63
CA TRP A 37 2.62 -5.42 -5.54
C TRP A 37 2.90 -5.90 -4.12
N PHE A 38 2.07 -6.83 -3.67
CA PHE A 38 2.19 -7.39 -2.33
C PHE A 38 2.17 -8.91 -2.40
N GLN A 39 2.84 -9.57 -1.47
CA GLN A 39 2.88 -11.02 -1.41
C GLN A 39 2.23 -11.48 -0.10
N GLN A 40 1.31 -12.43 -0.18
CA GLN A 40 0.69 -12.92 1.04
C GLN A 40 0.46 -14.44 1.10
N LYS A 41 0.87 -15.03 2.20
CA LYS A 41 0.63 -16.44 2.46
CA LYS A 41 0.63 -16.45 2.45
C LYS A 41 -0.45 -16.61 3.51
N PRO A 42 -1.33 -17.63 3.35
CA PRO A 42 -2.43 -17.80 4.29
C PRO A 42 -1.98 -17.72 5.75
N GLY A 43 -2.76 -17.02 6.56
CA GLY A 43 -2.44 -16.84 7.96
C GLY A 43 -1.19 -16.00 8.23
N GLN A 44 -0.67 -15.35 7.19
CA GLN A 44 0.47 -14.43 7.34
C GLN A 44 0.10 -13.03 6.89
N ALA A 45 0.80 -12.04 7.44
CA ALA A 45 0.63 -10.68 6.98
C ALA A 45 1.13 -10.59 5.53
N PRO A 46 0.46 -9.82 4.69
CA PRO A 46 1.07 -9.58 3.38
C PRO A 46 2.31 -8.71 3.56
N ARG A 47 3.28 -8.83 2.66
CA ARG A 47 4.47 -7.97 2.64
CA ARG A 47 4.44 -7.93 2.66
C ARG A 47 4.46 -7.17 1.34
N ALA A 48 4.87 -5.90 1.40
CA ALA A 48 5.02 -5.10 0.17
C ALA A 48 6.28 -5.57 -0.55
N LEU A 49 6.23 -5.66 -1.89
CA LEU A 49 7.39 -6.03 -2.72
C LEU A 49 7.82 -4.95 -3.72
N ILE A 50 6.86 -4.28 -4.34
CA ILE A 50 7.17 -3.33 -5.42
C ILE A 50 6.34 -2.09 -5.20
N PHE A 51 6.92 -0.91 -5.42
CA PHE A 51 6.11 0.31 -5.45
C PHE A 51 6.49 1.17 -6.67
N GLU A 52 5.69 2.18 -6.99
CA GLU A 52 5.94 3.02 -8.16
C GLU A 52 6.27 2.18 -9.38
N THR A 53 5.48 1.14 -9.59
CA THR A 53 5.57 0.26 -10.76
C THR A 53 6.78 -0.66 -10.79
N ASP A 54 7.96 -0.14 -10.57
CA ASP A 54 9.17 -0.94 -10.75
C ASP A 54 10.23 -0.81 -9.64
N LYS A 55 9.93 -0.08 -8.57
CA LYS A 55 10.88 0.12 -7.48
C LYS A 55 10.77 -0.99 -6.41
N LYS A 56 11.91 -1.46 -5.89
CA LYS A 56 11.91 -2.54 -4.91
C LYS A 56 12.27 -2.02 -3.53
N TYR A 57 11.93 -2.80 -2.50
CA TYR A 57 12.41 -2.52 -1.15
C TYR A 57 13.72 -3.27 -0.92
N SER A 58 14.42 -2.96 0.16
CA SER A 58 15.66 -3.65 0.49
C SER A 58 15.41 -5.12 0.80
N TRP A 59 14.17 -5.49 1.11
CA TRP A 59 13.86 -6.91 1.37
C TRP A 59 13.25 -7.64 0.16
N THR A 60 13.13 -6.96 -0.97
CA THR A 60 12.53 -7.59 -2.16
C THR A 60 13.55 -8.44 -2.90
N PRO A 61 13.29 -9.75 -3.06
CA PRO A 61 14.27 -10.57 -3.79
C PRO A 61 14.47 -10.10 -5.23
N GLY A 62 15.71 -10.14 -5.70
CA GLY A 62 16.03 -9.75 -7.05
C GLY A 62 15.23 -10.49 -8.10
N ARG A 63 14.74 -11.68 -7.76
CA ARG A 63 13.87 -12.48 -8.64
C ARG A 63 12.59 -11.76 -9.08
N PHE A 64 12.15 -10.78 -8.30
CA PHE A 64 10.90 -10.07 -8.58
C PHE A 64 11.19 -8.77 -9.31
N SER A 65 10.49 -8.50 -10.41
CA SER A 65 10.59 -7.18 -11.04
C SER A 65 9.25 -6.68 -11.56
N GLY A 66 9.04 -5.39 -11.44
CA GLY A 66 7.81 -4.78 -11.90
C GLY A 66 8.08 -4.03 -13.20
N SER A 67 7.09 -4.01 -14.09
CA SER A 67 7.20 -3.25 -15.33
C SER A 67 5.80 -2.90 -15.79
N LEU A 68 5.72 -2.14 -16.87
CA LEU A 68 4.48 -1.98 -17.61
C LEU A 68 4.57 -2.93 -18.80
N LEU A 69 3.48 -3.63 -19.05
CA LEU A 69 3.45 -4.61 -20.12
C LEU A 69 2.12 -4.47 -20.82
N GLY A 70 2.17 -4.02 -22.08
CA GLY A 70 0.94 -3.68 -22.77
C GLY A 70 0.29 -2.52 -22.03
N ALA A 71 -1.01 -2.65 -21.79
CA ALA A 71 -1.75 -1.60 -21.10
C ALA A 71 -1.84 -1.90 -19.61
N LYS A 72 -1.00 -2.82 -19.12
CA LYS A 72 -1.12 -3.27 -17.74
C LYS A 72 0.20 -3.16 -16.97
N ALA A 73 0.10 -3.18 -15.63
CA ALA A 73 1.28 -3.33 -14.81
C ALA A 73 1.56 -4.82 -14.70
N ALA A 74 2.83 -5.20 -14.53
CA ALA A 74 3.23 -6.60 -14.53
C ALA A 74 4.27 -6.87 -13.46
N LEU A 75 4.18 -8.04 -12.84
CA LEU A 75 5.18 -8.51 -11.91
C LEU A 75 5.77 -9.76 -12.54
N THR A 76 7.07 -9.75 -12.78
CA THR A 76 7.75 -10.92 -13.32
C THR A 76 8.55 -11.59 -12.21
N ILE A 77 8.29 -12.87 -12.01
CA ILE A 77 9.03 -13.67 -11.04
C ILE A 77 9.90 -14.66 -11.79
N SER A 78 11.22 -14.48 -11.71
CA SER A 78 12.14 -15.37 -12.39
CA SER A 78 12.16 -15.35 -12.39
C SER A 78 12.74 -16.38 -11.41
N ASP A 79 13.30 -17.45 -11.96
CA ASP A 79 13.89 -18.51 -11.14
C ASP A 79 13.05 -18.80 -9.90
N ALA A 80 11.78 -19.11 -10.12
CA ALA A 80 10.81 -19.26 -9.04
C ALA A 80 11.18 -20.31 -7.97
N GLN A 81 10.93 -19.95 -6.71
CA GLN A 81 11.24 -20.82 -5.58
C GLN A 81 9.96 -21.29 -4.94
N PRO A 82 10.03 -22.45 -4.30
CA PRO A 82 8.88 -22.98 -3.56
C PRO A 82 8.26 -21.94 -2.63
N GLU A 83 9.08 -21.08 -2.02
CA GLU A 83 8.57 -20.09 -1.09
C GLU A 83 7.83 -18.93 -1.78
N ASP A 84 7.88 -18.90 -3.10
CA ASP A 84 7.16 -17.86 -3.86
C ASP A 84 5.68 -18.22 -3.99
N GLU A 85 5.32 -19.45 -3.64
CA GLU A 85 3.91 -19.82 -3.63
C GLU A 85 3.18 -18.92 -2.65
N ALA A 86 2.11 -18.28 -3.10
CA ALA A 86 1.49 -17.22 -2.32
C ALA A 86 0.40 -16.53 -3.13
N GLU A 87 -0.40 -15.71 -2.46
CA GLU A 87 -1.34 -14.84 -3.15
C GLU A 87 -0.61 -13.51 -3.42
N TYR A 88 -0.67 -13.02 -4.66
CA TYR A 88 -0.08 -11.74 -5.03
C TYR A 88 -1.15 -10.69 -5.31
N TYR A 89 -1.10 -9.56 -4.60
CA TYR A 89 -2.04 -8.47 -4.84
C TYR A 89 -1.36 -7.26 -5.46
N CYS A 90 -2.04 -6.60 -6.37
CA CYS A 90 -1.54 -5.33 -6.89
CA CYS A 90 -1.56 -5.35 -6.95
C CYS A 90 -2.49 -4.24 -6.46
N SER A 91 -2.00 -3.01 -6.40
CA SER A 91 -2.89 -1.89 -6.16
C SER A 91 -2.50 -0.84 -7.20
N LEU A 92 -3.48 -0.08 -7.66
CA LEU A 92 -3.22 1.01 -8.57
C LEU A 92 -3.67 2.29 -7.90
N SER A 93 -2.92 3.37 -8.07
CA SER A 93 -3.14 4.58 -7.26
C SER A 93 -2.92 5.88 -8.04
N ASP A 94 -3.91 6.76 -8.01
CA ASP A 94 -3.75 8.11 -8.54
C ASP A 94 -4.66 9.09 -7.80
N VAL A 95 -4.79 10.30 -8.33
CA VAL A 95 -5.60 11.30 -7.63
C VAL A 95 -7.06 10.84 -7.42
N ASP A 96 -7.53 9.90 -8.24
CA ASP A 96 -8.93 9.45 -8.17
C ASP A 96 -9.13 8.27 -7.24
N GLY A 97 -8.04 7.70 -6.74
CA GLY A 97 -8.18 6.73 -5.68
C GLY A 97 -7.12 5.66 -5.69
N TYR A 98 -7.15 4.84 -4.65
CA TYR A 98 -6.19 3.76 -4.44
C TYR A 98 -6.99 2.46 -4.41
N LEU A 99 -6.79 1.60 -5.41
CA LEU A 99 -7.62 0.38 -5.50
C LEU A 99 -6.81 -0.90 -5.57
N PHE A 100 -7.26 -1.94 -4.86
CA PHE A 100 -6.60 -3.24 -4.91
C PHE A 100 -7.23 -4.10 -5.98
N GLY A 101 -6.41 -4.93 -6.62
CA GLY A 101 -6.92 -5.98 -7.49
C GLY A 101 -7.40 -7.14 -6.64
N GLY A 102 -8.07 -8.11 -7.26
CA GLY A 102 -8.64 -9.24 -6.54
C GLY A 102 -7.64 -10.32 -6.16
N GLY A 103 -6.39 -10.17 -6.59
CA GLY A 103 -5.36 -11.10 -6.16
C GLY A 103 -5.17 -12.30 -7.07
N THR A 104 -3.93 -12.71 -7.22
CA THR A 104 -3.55 -13.86 -8.03
C THR A 104 -2.90 -14.94 -7.18
N GLN A 105 -3.49 -16.13 -7.19
CA GLN A 105 -2.90 -17.27 -6.51
CA GLN A 105 -2.88 -17.26 -6.49
C GLN A 105 -1.80 -17.87 -7.37
N LEU A 106 -0.56 -17.79 -6.89
CA LEU A 106 0.55 -18.42 -7.59
C LEU A 106 0.82 -19.77 -6.95
N THR A 107 0.78 -20.82 -7.77
CA THR A 107 1.20 -22.15 -7.34
C THR A 107 2.57 -22.46 -7.93
N VAL A 108 3.51 -22.90 -7.09
CA VAL A 108 4.80 -23.37 -7.56
C VAL A 108 4.82 -24.90 -7.51
N LEU A 109 5.04 -25.53 -8.66
CA LEU A 109 5.00 -26.98 -8.77
C LEU A 109 6.13 -27.62 -7.95
N SER A 110 5.88 -28.80 -7.41
CA SER A 110 6.87 -29.49 -6.60
C SER A 110 7.66 -30.51 -7.40
N GLN B 1 2.72 -11.38 15.08
CA GLN B 1 2.41 -10.31 14.14
C GLN B 1 2.10 -9.00 14.87
N ALA B 2 2.70 -7.90 14.42
CA ALA B 2 2.49 -6.61 15.09
C ALA B 2 1.07 -6.09 14.88
N VAL B 3 0.66 -5.16 15.73
CA VAL B 3 -0.64 -4.52 15.64
C VAL B 3 -0.39 -3.03 15.55
N VAL B 4 -1.07 -2.39 14.61
CA VAL B 4 -0.91 -0.95 14.41
C VAL B 4 -2.03 -0.21 15.12
N THR B 5 -1.68 0.86 15.84
CA THR B 5 -2.66 1.58 16.66
C THR B 5 -2.87 3.04 16.24
N GLN B 6 -4.13 3.39 15.98
CA GLN B 6 -4.50 4.74 15.61
C GLN B 6 -5.61 5.18 16.57
N GLU B 7 -5.66 6.48 16.90
CA GLU B 7 -6.81 7.04 17.64
C GLU B 7 -8.12 6.74 16.91
N PRO B 8 -9.13 6.22 17.63
CA PRO B 8 -10.35 5.93 16.89
C PRO B 8 -11.02 7.19 16.33
N SER B 9 -10.85 8.29 17.04
CA SER B 9 -11.58 9.52 16.71
C SER B 9 -10.81 10.76 17.11
N VAL B 10 -10.89 11.77 16.27
CA VAL B 10 -10.29 13.06 16.57
C VAL B 10 -11.15 14.21 16.01
N THR B 11 -11.04 15.38 16.63
CA THR B 11 -11.82 16.54 16.23
C THR B 11 -10.91 17.74 15.99
N VAL B 12 -11.31 18.60 15.06
CA VAL B 12 -10.54 19.82 14.77
C VAL B 12 -11.51 20.94 14.38
N SER B 13 -11.08 22.18 14.57
CA SER B 13 -11.86 23.32 14.12
C SER B 13 -11.39 23.71 12.73
N PRO B 14 -12.34 24.02 11.82
CA PRO B 14 -11.92 24.55 10.53
C PRO B 14 -10.91 25.65 10.77
N GLY B 15 -9.73 25.52 10.15
CA GLY B 15 -8.65 26.45 10.40
C GLY B 15 -7.62 25.86 11.35
N GLY B 16 -8.04 24.89 12.15
CA GLY B 16 -7.19 24.30 13.16
C GLY B 16 -6.07 23.42 12.62
N THR B 17 -5.23 22.93 13.53
CA THR B 17 -4.21 21.95 13.23
C THR B 17 -4.42 20.74 14.13
N VAL B 18 -4.46 19.55 13.53
CA VAL B 18 -4.62 18.33 14.32
C VAL B 18 -3.54 17.31 13.97
N ILE B 19 -3.14 16.51 14.94
CA ILE B 19 -2.12 15.50 14.72
C ILE B 19 -2.70 14.12 14.91
N LEU B 20 -2.54 13.26 13.90
CA LEU B 20 -2.99 11.88 13.99
C LEU B 20 -1.76 11.03 14.13
N THR B 21 -1.84 9.99 14.94
CA THR B 21 -0.64 9.19 15.18
C THR B 21 -0.88 7.73 14.84
N CYS B 22 0.22 7.04 14.61
CA CYS B 22 0.16 5.65 14.18
CA CYS B 22 0.17 5.66 14.15
C CYS B 22 1.31 4.87 14.81
N GLY B 23 0.95 3.99 15.74
CA GLY B 23 1.98 3.29 16.49
C GLY B 23 2.08 1.82 16.16
N SER B 24 3.24 1.22 16.42
CA SER B 24 3.43 -0.22 16.28
C SER B 24 3.53 -0.89 17.65
N SER B 25 2.86 -2.03 17.83
CA SER B 25 2.92 -2.73 19.11
C SER B 25 4.31 -3.29 19.43
N THR B 26 5.18 -3.41 18.43
CA THR B 26 6.49 -4.05 18.66
C THR B 26 7.66 -3.08 18.84
N GLY B 27 7.38 -1.78 18.83
CA GLY B 27 8.44 -0.82 19.12
C GLY B 27 8.30 0.49 18.38
N ALA B 28 9.30 1.36 18.54
CA ALA B 28 9.26 2.67 17.90
C ALA B 28 9.28 2.51 16.39
N VAL B 29 8.59 3.39 15.69
CA VAL B 29 8.62 3.43 14.24
C VAL B 29 9.83 4.27 13.84
N THR B 30 10.80 3.64 13.21
CA THR B 30 12.05 4.32 12.86
C THR B 30 12.25 4.29 11.34
N SER B 31 13.27 4.98 10.86
CA SER B 31 13.54 4.97 9.42
C SER B 31 13.77 3.54 8.94
N GLY B 32 13.19 3.21 7.78
CA GLY B 32 13.22 1.85 7.26
C GLY B 32 11.93 1.13 7.60
N HIS B 33 11.19 1.68 8.55
CA HIS B 33 9.85 1.20 8.83
C HIS B 33 8.89 2.25 8.32
N TYR B 34 8.31 2.00 7.15
CA TYR B 34 7.61 3.02 6.38
C TYR B 34 6.14 3.19 6.76
N ALA B 35 5.72 4.43 6.99
CA ALA B 35 4.32 4.74 7.21
C ALA B 35 3.68 5.31 5.95
N ASN B 36 2.48 4.84 5.61
CA ASN B 36 1.68 5.41 4.54
C ASN B 36 0.36 5.87 5.12
N TRP B 37 -0.17 6.96 4.58
CA TRP B 37 -1.43 7.52 5.05
C TRP B 37 -2.42 7.61 3.90
N PHE B 38 -3.68 7.33 4.20
CA PHE B 38 -4.73 7.31 3.18
C PHE B 38 -5.90 8.07 3.72
N GLN B 39 -6.60 8.79 2.85
CA GLN B 39 -7.84 9.45 3.25
C GLN B 39 -9.02 8.72 2.63
N GLN B 40 -10.08 8.51 3.41
CA GLN B 40 -11.24 7.75 2.94
C GLN B 40 -12.56 8.43 3.34
N LYS B 41 -13.34 8.85 2.35
CA LYS B 41 -14.69 9.34 2.60
C LYS B 41 -15.73 8.26 2.31
N PRO B 42 -16.91 8.37 2.95
CA PRO B 42 -17.89 7.31 2.70
C PRO B 42 -18.38 7.33 1.25
N GLY B 43 -18.54 6.14 0.68
CA GLY B 43 -18.96 6.03 -0.71
C GLY B 43 -17.89 6.35 -1.74
N GLN B 44 -16.71 6.77 -1.30
CA GLN B 44 -15.62 7.09 -2.22
C GLN B 44 -14.44 6.14 -2.07
N ALA B 45 -13.62 6.03 -3.12
CA ALA B 45 -12.40 5.25 -3.02
C ALA B 45 -11.45 6.01 -2.09
N PRO B 46 -10.62 5.28 -1.34
CA PRO B 46 -9.62 6.02 -0.56
C PRO B 46 -8.58 6.60 -1.49
N ARG B 47 -7.90 7.64 -1.02
CA ARG B 47 -6.82 8.26 -1.76
C ARG B 47 -5.55 8.14 -0.94
N ALA B 48 -4.43 7.81 -1.58
CA ALA B 48 -3.14 7.78 -0.89
C ALA B 48 -2.67 9.23 -0.72
N LEU B 49 -2.16 9.56 0.47
CA LEU B 49 -1.64 10.90 0.75
C LEU B 49 -0.13 10.98 1.02
N ILE B 50 0.38 10.03 1.81
CA ILE B 50 1.78 10.03 2.24
C ILE B 50 2.35 8.64 2.04
N PHE B 51 3.63 8.55 1.63
CA PHE B 51 4.32 7.27 1.56
C PHE B 51 5.72 7.44 2.14
N GLU B 52 6.36 6.33 2.55
CA GLU B 52 7.70 6.42 3.15
C GLU B 52 7.74 7.45 4.28
N THR B 53 6.67 7.47 5.07
CA THR B 53 6.58 8.27 6.29
C THR B 53 6.39 9.76 6.08
N ASP B 54 7.19 10.37 5.20
CA ASP B 54 7.06 11.81 5.00
C ASP B 54 6.96 12.33 3.55
N LYS B 55 6.87 11.43 2.57
CA LYS B 55 6.81 11.86 1.17
C LYS B 55 5.39 12.03 0.66
N LYS B 56 5.15 13.05 -0.15
CA LYS B 56 3.80 13.36 -0.65
C LYS B 56 3.67 12.96 -2.11
N TYR B 57 2.44 12.71 -2.54
CA TYR B 57 2.16 12.60 -3.97
C TYR B 57 1.90 13.97 -4.54
N SER B 58 1.93 14.08 -5.86
CA SER B 58 1.71 15.35 -6.54
C SER B 58 0.32 15.91 -6.28
N TRP B 59 -0.60 15.06 -5.83
CA TRP B 59 -1.97 15.49 -5.54
C TRP B 59 -2.21 15.71 -4.03
N THR B 60 -1.18 15.55 -3.21
CA THR B 60 -1.33 15.76 -1.77
C THR B 60 -1.28 17.25 -1.42
N PRO B 61 -2.36 17.80 -0.85
CA PRO B 61 -2.29 19.20 -0.42
C PRO B 61 -1.15 19.43 0.58
N GLY B 62 -0.49 20.58 0.48
CA GLY B 62 0.60 20.91 1.37
C GLY B 62 0.18 20.98 2.84
N ARG B 63 -1.11 21.13 3.09
CA ARG B 63 -1.67 21.11 4.44
C ARG B 63 -1.39 19.81 5.18
N PHE B 64 -1.15 18.75 4.43
CA PHE B 64 -0.89 17.41 4.98
C PHE B 64 0.61 17.17 5.07
N SER B 65 1.09 16.77 6.24
CA SER B 65 2.50 16.52 6.44
C SER B 65 2.75 15.27 7.29
N GLY B 66 3.64 14.39 6.84
CA GLY B 66 3.98 13.20 7.60
C GLY B 66 5.30 13.34 8.35
N SER B 67 5.42 12.68 9.49
CA SER B 67 6.68 12.70 10.24
C SER B 67 6.75 11.57 11.24
N LEU B 68 7.89 11.42 11.90
CA LEU B 68 8.00 10.60 13.09
C LEU B 68 7.83 11.49 14.32
N LEU B 69 6.93 11.09 15.22
CA LEU B 69 6.66 11.83 16.44
C LEU B 69 6.82 10.91 17.66
N GLY B 70 7.92 11.07 18.38
CA GLY B 70 8.26 10.13 19.43
C GLY B 70 8.48 8.77 18.80
N ALA B 71 7.77 7.77 19.31
CA ALA B 71 7.94 6.40 18.84
C ALA B 71 6.91 6.08 17.76
N LYS B 72 6.14 7.08 17.34
CA LYS B 72 5.07 6.84 16.37
C LYS B 72 5.26 7.61 15.08
N ALA B 73 4.52 7.18 14.05
CA ALA B 73 4.39 7.99 12.84
C ALA B 73 3.25 8.95 13.08
N ALA B 74 3.32 10.13 12.44
CA ALA B 74 2.32 11.16 12.62
C ALA B 74 1.90 11.78 11.29
N LEU B 75 0.62 12.08 11.18
CA LEU B 75 0.10 12.89 10.08
C LEU B 75 -0.41 14.20 10.67
N THR B 76 0.23 15.31 10.32
CA THR B 76 -0.26 16.62 10.74
C THR B 76 -1.09 17.27 9.66
N ILE B 77 -2.32 17.65 10.03
CA ILE B 77 -3.19 18.36 9.11
C ILE B 77 -3.34 19.77 9.63
N SER B 78 -2.74 20.73 8.94
CA SER B 78 -2.89 22.12 9.30
C SER B 78 -3.98 22.78 8.46
N ASP B 79 -4.53 23.88 8.96
CA ASP B 79 -5.51 24.65 8.22
C ASP B 79 -6.71 23.80 7.82
N ALA B 80 -7.11 22.91 8.72
CA ALA B 80 -8.18 21.96 8.43
C ALA B 80 -9.30 22.59 7.60
N GLN B 81 -9.84 21.81 6.66
CA GLN B 81 -10.94 22.26 5.83
C GLN B 81 -12.10 21.29 6.00
N PRO B 82 -13.32 21.78 5.72
CA PRO B 82 -14.50 20.91 5.80
C PRO B 82 -14.33 19.64 4.98
N GLU B 83 -13.62 19.75 3.85
CA GLU B 83 -13.41 18.62 2.96
C GLU B 83 -12.45 17.60 3.55
N ASP B 84 -11.76 17.98 4.63
CA ASP B 84 -10.83 17.08 5.32
C ASP B 84 -11.54 16.11 6.25
N GLU B 85 -12.83 16.31 6.49
CA GLU B 85 -13.56 15.37 7.32
C GLU B 85 -13.62 14.03 6.61
N ALA B 86 -13.00 13.02 7.21
CA ALA B 86 -12.82 11.73 6.57
C ALA B 86 -12.24 10.76 7.57
N GLU B 87 -12.16 9.48 7.16
CA GLU B 87 -11.43 8.49 7.90
C GLU B 87 -10.00 8.50 7.38
N TYR B 88 -9.02 8.49 8.28
CA TYR B 88 -7.60 8.46 7.90
C TYR B 88 -6.96 7.14 8.35
N TYR B 89 -6.47 6.38 7.38
CA TYR B 89 -5.82 5.12 7.69
C TYR B 89 -4.32 5.18 7.52
N CYS B 90 -3.59 4.54 8.41
CA CYS B 90 -2.15 4.46 8.26
CA CYS B 90 -2.14 4.46 8.30
C CYS B 90 -1.79 3.00 8.07
N SER B 91 -0.73 2.75 7.32
CA SER B 91 -0.16 1.42 7.23
C SER B 91 1.30 1.55 7.61
N LEU B 92 1.84 0.53 8.27
CA LEU B 92 3.25 0.48 8.60
C LEU B 92 3.82 -0.73 7.87
N SER B 93 4.94 -0.53 7.18
CA SER B 93 5.45 -1.53 6.24
C SER B 93 6.94 -1.82 6.47
N ASP B 94 7.28 -3.09 6.64
CA ASP B 94 8.68 -3.53 6.61
C ASP B 94 8.75 -4.99 6.20
N VAL B 95 9.90 -5.63 6.38
CA VAL B 95 10.07 -7.00 5.89
C VAL B 95 9.07 -7.98 6.53
N ASP B 96 8.54 -7.62 7.70
CA ASP B 96 7.64 -8.50 8.43
C ASP B 96 6.16 -8.31 8.11
N GLY B 97 5.84 -7.32 7.30
CA GLY B 97 4.45 -7.13 6.93
C GLY B 97 4.08 -5.71 6.61
N TYR B 98 3.01 -5.60 5.84
CA TYR B 98 2.40 -4.35 5.47
C TYR B 98 1.09 -4.36 6.25
N LEU B 99 1.02 -3.56 7.30
CA LEU B 99 -0.06 -3.66 8.29
C LEU B 99 -0.88 -2.36 8.43
N PHE B 100 -2.20 -2.50 8.42
CA PHE B 100 -3.09 -1.34 8.55
C PHE B 100 -3.50 -1.09 10.01
N GLY B 101 -3.59 0.19 10.36
CA GLY B 101 -4.24 0.59 11.60
C GLY B 101 -5.76 0.56 11.41
N GLY B 102 -6.49 0.80 12.50
CA GLY B 102 -7.94 0.74 12.48
C GLY B 102 -8.61 1.99 11.93
N GLY B 103 -7.80 3.01 11.66
CA GLY B 103 -8.31 4.25 11.09
C GLY B 103 -8.73 5.26 12.13
N THR B 104 -8.61 6.54 11.80
CA THR B 104 -9.04 7.64 12.66
C THR B 104 -10.14 8.41 11.94
N GLN B 105 -11.31 8.51 12.56
CA GLN B 105 -12.35 9.40 12.05
C GLN B 105 -12.04 10.84 12.46
N LEU B 106 -11.77 11.68 11.47
CA LEU B 106 -11.56 13.10 11.74
C LEU B 106 -12.88 13.81 11.54
N THR B 107 -13.25 14.62 12.53
CA THR B 107 -14.45 15.44 12.45
C THR B 107 -14.02 16.90 12.40
N VAL B 108 -14.53 17.62 11.40
CA VAL B 108 -14.28 19.05 11.32
C VAL B 108 -15.54 19.79 11.78
N LEU B 109 -15.38 20.68 12.73
CA LEU B 109 -16.52 21.42 13.29
C LEU B 109 -16.56 22.88 12.80
C1 MAN C . 8.21 -4.25 15.93
C2 MAN C . 8.32 -3.42 14.65
C3 MAN C . 7.56 -4.20 13.58
C4 MAN C . 8.09 -5.62 13.42
C5 MAN C . 8.35 -6.33 14.74
C6 MAN C . 9.26 -7.53 14.53
O2 MAN C . 9.69 -3.25 14.32
O3 MAN C . 7.60 -3.54 12.34
O4 MAN C . 7.12 -6.33 12.69
O5 MAN C . 8.93 -5.46 15.70
O6 MAN C . 9.92 -7.90 15.73
#